data_6QLM
#
_entry.id   6QLM
#
_cell.length_a   34.537
_cell.length_b   51.855
_cell.length_c   57.260
_cell.angle_alpha   74.340
_cell.angle_beta   76.390
_cell.angle_gamma   84.700
#
_symmetry.space_group_name_H-M   'P 1'
#
loop_
_entity.id
_entity.type
_entity.pdbx_description
1 polymer 'Cathepsin K'
2 non-polymer ~{N}-[(2~{S})-1-[(3~{R},3~{a}~{R},6~{S},6~{a}~{S})-6-fluoranyl-3-oxidanyl-2,3,3~{a},5,6,6~{a}-hexahydrofuro[3,2-b]pyrrol-4-yl]-4-methyl-1-oxidanylidene-pentan-2-yl]-4-[2-(4-methylpiperazin-1-yl)-1,3-thiazol-4-yl]benzamide
3 non-polymer GLYCEROL
4 non-polymer 'SODIUM ION'
5 non-polymer '(CARBAMOYLMETHYL-CARBOXYMETHYL-AMINO)-ACETIC ACID'
6 water water
#
_entity_poly.entity_id   1
_entity_poly.type   'polypeptide(L)'
_entity_poly.pdbx_seq_one_letter_code
;RAPDSVDYRKKGYVTPVKNQGQCGSCWAFSSVGALEGQLKKKTGKLLNLSPQNLVDCVSENDGCGGGYMTNAFQYVQKNR
GIDSEDAYPYVGQEESCMYNPTGKAAKCRGYREIPEGNEKALKRAVARVGPVSVAIDASLTSFQFYSKGVYYDESCNSDN
LNHAVLAVGYGIQKGNKHWIIKNSWGENWGNKGYILMARNKNNACGIANLASFPKM
;
_entity_poly.pdbx_strand_id   A,B
#
loop_
_chem_comp.id
_chem_comp.type
_chem_comp.name
_chem_comp.formula
GOL non-polymer GLYCEROL 'C3 H8 O3'
HFH non-polymer ~{N}-[(2~{S})-1-[(3~{R},3~{a}~{R},6~{S},6~{a}~{S})-6-fluoranyl-3-oxidanyl-2,3,3~{a},5,6,6~{a}-hexahydrofuro[3,2-b]pyrrol-4-yl]-4-methyl-1-oxidanylidene-pentan-2-yl]-4-[2-(4-methylpiperazin-1-yl)-1,3-thiazol-4-yl]benzamide 'C27 H36 F N5 O4 S'
MHA non-polymer '(CARBAMOYLMETHYL-CARBOXYMETHYL-AMINO)-ACETIC ACID' 'C6 H10 N2 O5'
NA non-polymer 'SODIUM ION' 'Na 1'
#
# COMPACT_ATOMS: atom_id res chain seq x y z
N ARG A 1 -18.44 -22.47 18.39
CA ARG A 1 -18.85 -22.51 16.97
C ARG A 1 -19.69 -21.27 16.65
N ALA A 2 -19.41 -20.63 15.52
CA ALA A 2 -20.22 -19.54 15.04
C ALA A 2 -21.65 -19.97 14.66
N PRO A 3 -22.58 -18.99 14.54
CA PRO A 3 -23.92 -19.31 14.04
C PRO A 3 -23.93 -19.96 12.66
N ASP A 4 -24.93 -20.80 12.39
CA ASP A 4 -25.04 -21.44 11.06
C ASP A 4 -25.32 -20.43 9.95
N SER A 5 -26.01 -19.33 10.29
CA SER A 5 -26.26 -18.28 9.32
CA SER A 5 -26.28 -18.28 9.32
C SER A 5 -26.20 -16.92 9.98
N VAL A 6 -25.73 -15.94 9.23
CA VAL A 6 -25.62 -14.54 9.68
C VAL A 6 -26.01 -13.68 8.49
N ASP A 7 -26.85 -12.67 8.70
CA ASP A 7 -27.18 -11.74 7.63
C ASP A 7 -27.24 -10.33 8.20
N TYR A 8 -26.18 -9.56 8.00
CA TYR A 8 -26.12 -8.21 8.52
C TYR A 8 -27.13 -7.24 7.91
N ARG A 9 -27.73 -7.58 6.79
CA ARG A 9 -28.83 -6.75 6.28
C ARG A 9 -29.99 -6.74 7.28
N LYS A 10 -30.22 -7.86 7.94
CA LYS A 10 -31.29 -8.01 8.93
C LYS A 10 -30.97 -7.32 10.26
N LYS A 11 -29.72 -6.91 10.46
CA LYS A 11 -29.27 -6.30 11.70
C LYS A 11 -29.05 -4.80 11.55
N GLY A 12 -29.25 -4.24 10.35
CA GLY A 12 -29.11 -2.82 10.14
C GLY A 12 -27.69 -2.33 10.03
N TYR A 13 -26.79 -3.23 9.61
CA TYR A 13 -25.36 -2.92 9.47
C TYR A 13 -24.95 -2.58 8.05
N VAL A 14 -25.89 -2.64 7.10
CA VAL A 14 -25.54 -2.52 5.67
C VAL A 14 -26.36 -1.39 5.04
N THR A 15 -25.65 -0.46 4.43
CA THR A 15 -26.27 0.67 3.78
C THR A 15 -26.82 0.25 2.41
N PRO A 16 -27.58 1.12 1.75
CA PRO A 16 -28.10 0.69 0.43
C PRO A 16 -26.97 0.41 -0.57
N VAL A 17 -27.32 -0.39 -1.56
CA VAL A 17 -26.40 -0.70 -2.66
C VAL A 17 -26.13 0.56 -3.48
N LYS A 18 -24.84 0.78 -3.78
CA LYS A 18 -24.37 1.91 -4.56
C LYS A 18 -23.99 1.46 -5.97
N ASN A 19 -23.79 2.43 -6.85
CA ASN A 19 -23.31 2.18 -8.22
C ASN A 19 -22.03 2.97 -8.44
N GLN A 20 -20.90 2.27 -8.53
CA GLN A 20 -19.62 2.90 -8.69
C GLN A 20 -19.45 3.57 -10.06
N GLY A 21 -20.28 3.20 -11.04
CA GLY A 21 -20.10 3.71 -12.39
C GLY A 21 -18.85 3.16 -13.04
N GLN A 22 -18.30 3.88 -14.00
CA GLN A 22 -17.14 3.37 -14.74
C GLN A 22 -15.81 3.40 -13.97
N CYS A 23 -15.74 4.24 -12.95
CA CYS A 23 -14.57 4.39 -12.11
C CYS A 23 -14.20 3.04 -11.50
N GLY A 24 -12.91 2.70 -11.50
CA GLY A 24 -12.42 1.49 -10.85
C GLY A 24 -12.26 1.63 -9.35
N SER A 25 -13.36 1.95 -8.70
CA SER A 25 -13.40 2.26 -7.27
C SER A 25 -14.06 1.12 -6.45
N CYS A 26 -14.15 -0.08 -7.01
CA CYS A 26 -14.70 -1.23 -6.28
C CYS A 26 -14.07 -1.34 -4.89
N TRP A 27 -12.75 -1.19 -4.82
CA TRP A 27 -11.99 -1.25 -3.59
C TRP A 27 -12.47 -0.24 -2.54
N ALA A 28 -12.86 0.94 -3.00
CA ALA A 28 -13.31 2.01 -2.11
C ALA A 28 -14.71 1.72 -1.57
N PHE A 29 -15.59 1.18 -2.42
CA PHE A 29 -16.90 0.76 -1.93
C PHE A 29 -16.80 -0.40 -0.96
N SER A 30 -15.95 -1.39 -1.28
CA SER A 30 -15.72 -2.52 -0.38
C SER A 30 -15.24 -2.02 0.98
N SER A 31 -14.29 -1.09 0.97
CA SER A 31 -13.72 -0.55 2.19
C SER A 31 -14.75 0.23 3.00
N VAL A 32 -15.49 1.13 2.37
CA VAL A 32 -16.51 1.88 3.11
C VAL A 32 -17.59 0.98 3.67
N GLY A 33 -17.97 -0.07 2.93
CA GLY A 33 -18.97 -1.00 3.48
C GLY A 33 -18.52 -1.67 4.77
N ALA A 34 -17.25 -2.08 4.83
CA ALA A 34 -16.72 -2.68 6.05
C ALA A 34 -16.66 -1.64 7.20
N LEU A 35 -16.23 -0.42 6.88
CA LEU A 35 -16.21 0.66 7.87
C LEU A 35 -17.63 1.00 8.38
N GLU A 36 -18.60 1.03 7.48
CA GLU A 36 -20.00 1.31 7.84
C GLU A 36 -20.53 0.29 8.84
N GLY A 37 -20.19 -0.99 8.62
CA GLY A 37 -20.59 -2.04 9.57
C GLY A 37 -20.01 -1.82 10.95
N GLN A 38 -18.71 -1.52 11.01
CA GLN A 38 -18.07 -1.28 12.29
C GLN A 38 -18.59 -0.02 12.97
N LEU A 39 -18.93 1.00 12.20
CA LEU A 39 -19.48 2.22 12.78
C LEU A 39 -20.85 1.97 13.41
N LYS A 40 -21.68 1.18 12.74
CA LYS A 40 -22.99 0.79 13.31
C LYS A 40 -22.79 0.00 14.61
N LYS A 41 -21.88 -0.96 14.61
CA LYS A 41 -21.63 -1.77 15.82
C LYS A 41 -21.17 -0.91 16.99
N LYS A 42 -20.30 0.05 16.72
CA LYS A 42 -19.69 0.90 17.75
C LYS A 42 -20.63 1.99 18.29
N THR A 43 -21.37 2.63 17.38
CA THR A 43 -22.13 3.84 17.72
C THR A 43 -23.63 3.67 17.71
N GLY A 44 -24.12 2.56 17.13
CA GLY A 44 -25.55 2.34 16.99
C GLY A 44 -26.21 2.97 15.75
N LYS A 45 -25.44 3.74 14.99
CA LYS A 45 -25.96 4.50 13.85
CA LYS A 45 -25.96 4.50 13.86
C LYS A 45 -25.42 3.95 12.53
N LEU A 46 -26.31 3.84 11.54
CA LEU A 46 -25.94 3.42 10.20
C LEU A 46 -25.86 4.64 9.31
N LEU A 47 -24.71 4.91 8.74
CA LEU A 47 -24.64 5.99 7.76
C LEU A 47 -23.66 5.71 6.65
N ASN A 48 -23.92 6.35 5.51
CA ASN A 48 -23.06 6.20 4.35
C ASN A 48 -21.73 6.91 4.56
N LEU A 49 -20.63 6.20 4.39
CA LEU A 49 -19.29 6.82 4.44
C LEU A 49 -18.83 7.10 3.01
N SER A 50 -17.75 7.90 2.88
CA SER A 50 -17.34 8.46 1.59
C SER A 50 -16.33 7.60 0.80
N PRO A 51 -16.78 6.88 -0.24
CA PRO A 51 -15.79 6.25 -1.12
C PRO A 51 -14.94 7.27 -1.90
N GLN A 52 -15.50 8.45 -2.17
CA GLN A 52 -14.74 9.47 -2.91
C GLN A 52 -13.54 9.97 -2.10
N ASN A 53 -13.72 10.09 -0.77
CA ASN A 53 -12.61 10.43 0.14
C ASN A 53 -11.45 9.44 -0.09
N LEU A 54 -11.77 8.17 -0.18
CA LEU A 54 -10.74 7.16 -0.41
C LEU A 54 -10.12 7.27 -1.81
N VAL A 55 -10.97 7.36 -2.83
CA VAL A 55 -10.49 7.50 -4.22
C VAL A 55 -9.51 8.66 -4.36
N ASP A 56 -9.88 9.81 -3.81
CA ASP A 56 -9.08 11.02 -3.99
C ASP A 56 -7.85 11.09 -3.12
N CYS A 57 -7.86 10.40 -1.97
CA CYS A 57 -6.86 10.66 -0.90
C CYS A 57 -5.90 9.53 -0.54
N VAL A 58 -6.17 8.31 -0.98
CA VAL A 58 -5.33 7.17 -0.64
C VAL A 58 -4.25 7.09 -1.73
N SER A 59 -3.08 7.68 -1.45
CA SER A 59 -2.04 7.80 -2.47
C SER A 59 -1.36 6.47 -2.81
N GLU A 60 -1.48 5.47 -1.92
CA GLU A 60 -0.97 4.12 -2.22
C GLU A 60 -1.85 3.37 -3.23
N ASN A 61 -3.07 3.86 -3.45
CA ASN A 61 -3.95 3.32 -4.48
C ASN A 61 -3.94 4.18 -5.73
N ASP A 62 -4.60 3.71 -6.78
CA ASP A 62 -4.59 4.41 -8.07
C ASP A 62 -5.98 5.02 -8.41
N GLY A 63 -6.73 5.45 -7.39
CA GLY A 63 -8.02 6.13 -7.62
C GLY A 63 -8.99 5.29 -8.43
N CYS A 64 -9.40 5.82 -9.59
CA CYS A 64 -10.28 5.09 -10.51
C CYS A 64 -9.59 4.02 -11.31
N GLY A 65 -8.25 3.89 -11.14
CA GLY A 65 -7.50 2.79 -11.73
C GLY A 65 -7.37 1.55 -10.87
N GLY A 66 -7.97 1.55 -9.69
CA GLY A 66 -7.98 0.41 -8.80
C GLY A 66 -7.17 0.65 -7.54
N GLY A 67 -7.31 -0.28 -6.60
CA GLY A 67 -6.64 -0.16 -5.32
C GLY A 67 -6.87 -1.37 -4.46
N TYR A 68 -6.31 -1.33 -3.25
CA TYR A 68 -6.52 -2.37 -2.24
C TYR A 68 -7.23 -1.79 -1.03
N MET A 69 -8.01 -2.65 -0.37
CA MET A 69 -8.79 -2.27 0.81
C MET A 69 -7.86 -2.08 2.02
N THR A 70 -6.82 -2.89 2.11
CA THR A 70 -5.84 -2.71 3.18
C THR A 70 -5.27 -1.30 3.18
N ASN A 71 -4.93 -0.80 2.00
CA ASN A 71 -4.40 0.55 1.90
C ASN A 71 -5.43 1.61 2.33
N ALA A 72 -6.70 1.34 2.03
CA ALA A 72 -7.77 2.25 2.45
C ALA A 72 -7.87 2.32 3.98
N PHE A 73 -7.85 1.18 4.64
CA PHE A 73 -7.95 1.18 6.10
C PHE A 73 -6.73 1.83 6.70
N GLN A 74 -5.55 1.58 6.13
CA GLN A 74 -4.31 2.23 6.59
C GLN A 74 -4.44 3.74 6.50
N TYR A 75 -4.98 4.24 5.38
CA TYR A 75 -5.21 5.67 5.23
C TYR A 75 -6.16 6.23 6.30
N VAL A 76 -7.28 5.55 6.55
CA VAL A 76 -8.24 6.07 7.51
C VAL A 76 -7.57 6.18 8.88
N GLN A 77 -6.77 5.18 9.25
CA GLN A 77 -6.00 5.23 10.49
C GLN A 77 -4.99 6.37 10.53
N LYS A 78 -4.11 6.43 9.52
CA LYS A 78 -3.05 7.46 9.48
C LYS A 78 -3.64 8.87 9.40
N ASN A 79 -4.75 8.99 8.67
CA ASN A 79 -5.44 10.27 8.48
C ASN A 79 -6.26 10.72 9.67
N ARG A 80 -6.50 9.80 10.61
CA ARG A 80 -7.32 10.02 11.79
C ARG A 80 -8.77 10.34 11.42
N GLY A 81 -9.23 9.76 10.30
CA GLY A 81 -10.64 9.88 9.97
C GLY A 81 -11.00 9.62 8.52
N ILE A 82 -12.30 9.40 8.31
CA ILE A 82 -12.92 9.37 6.99
C ILE A 82 -14.21 10.20 7.07
N ASP A 83 -14.52 10.91 5.99
CA ASP A 83 -15.72 11.71 5.92
C ASP A 83 -16.96 10.88 5.59
N SER A 84 -18.12 11.44 5.92
CA SER A 84 -19.40 10.88 5.45
C SER A 84 -19.58 11.11 3.96
N GLU A 85 -20.43 10.29 3.35
CA GLU A 85 -20.87 10.51 1.97
C GLU A 85 -21.50 11.89 1.82
N ASP A 86 -22.35 12.29 2.77
CA ASP A 86 -23.02 13.60 2.64
C ASP A 86 -22.01 14.74 2.61
N ALA A 87 -20.97 14.64 3.42
CA ALA A 87 -19.94 15.69 3.47
C ALA A 87 -19.00 15.67 2.26
N TYR A 88 -18.81 14.50 1.66
CA TYR A 88 -17.80 14.29 0.61
C TYR A 88 -18.39 13.31 -0.43
N PRO A 89 -19.30 13.83 -1.27
CA PRO A 89 -20.12 12.93 -2.08
C PRO A 89 -19.40 12.29 -3.25
N TYR A 90 -19.95 11.17 -3.73
CA TYR A 90 -19.34 10.40 -4.80
C TYR A 90 -19.62 11.03 -6.17
N VAL A 91 -18.54 11.25 -6.91
CA VAL A 91 -18.64 11.77 -8.29
C VAL A 91 -18.04 10.82 -9.34
N GLY A 92 -17.34 9.78 -8.93
CA GLY A 92 -16.89 8.75 -9.89
C GLY A 92 -15.79 9.17 -10.86
N GLN A 93 -15.02 10.19 -10.47
CA GLN A 93 -13.78 10.57 -11.13
C GLN A 93 -12.85 11.11 -10.07
N GLU A 94 -11.55 11.00 -10.33
CA GLU A 94 -10.54 11.44 -9.38
C GLU A 94 -10.46 12.95 -9.32
N GLU A 95 -10.41 13.49 -8.11
CA GLU A 95 -10.23 14.93 -7.90
C GLU A 95 -9.21 15.12 -6.79
N SER A 96 -8.80 16.36 -6.59
CA SER A 96 -7.90 16.65 -5.48
C SER A 96 -8.50 16.22 -4.15
N CYS A 97 -7.67 15.75 -3.23
CA CYS A 97 -8.15 15.33 -1.92
C CYS A 97 -8.82 16.50 -1.17
N MET A 98 -10.09 16.32 -0.85
CA MET A 98 -10.94 17.31 -0.20
C MET A 98 -11.32 16.88 1.21
N TYR A 99 -10.55 15.96 1.83
CA TYR A 99 -10.83 15.52 3.18
C TYR A 99 -10.90 16.74 4.13
N ASN A 100 -11.94 16.76 4.96
CA ASN A 100 -12.14 17.80 5.96
C ASN A 100 -12.50 17.16 7.28
N PRO A 101 -11.70 17.40 8.33
CA PRO A 101 -12.04 16.82 9.63
C PRO A 101 -13.43 17.24 10.17
N THR A 102 -14.01 18.35 9.72
CA THR A 102 -15.36 18.73 10.17
CA THR A 102 -15.37 18.72 10.17
C THR A 102 -16.42 17.72 9.71
N GLY A 103 -16.18 17.08 8.57
CA GLY A 103 -17.09 16.06 8.02
C GLY A 103 -16.82 14.62 8.47
N LYS A 104 -15.85 14.46 9.40
CA LYS A 104 -15.41 13.16 9.90
C LYS A 104 -16.54 12.39 10.53
N ALA A 105 -16.72 11.16 10.06
CA ALA A 105 -17.80 10.32 10.52
C ALA A 105 -17.36 8.98 11.09
N ALA A 106 -16.10 8.62 10.89
CA ALA A 106 -15.56 7.39 11.47
C ALA A 106 -14.05 7.47 11.56
N LYS A 107 -13.49 6.62 12.42
CA LYS A 107 -12.04 6.45 12.57
C LYS A 107 -11.71 4.98 12.45
N CYS A 108 -10.43 4.66 12.39
CA CYS A 108 -9.97 3.30 12.26
C CYS A 108 -8.67 3.15 13.05
N ARG A 109 -8.55 2.12 13.89
CA ARG A 109 -7.32 1.94 14.70
C ARG A 109 -6.37 0.89 14.13
N GLY A 110 -6.76 0.27 13.03
CA GLY A 110 -5.97 -0.77 12.40
C GLY A 110 -6.86 -1.65 11.54
N TYR A 111 -6.26 -2.68 10.97
CA TYR A 111 -7.00 -3.66 10.20
C TYR A 111 -6.37 -5.02 10.37
N ARG A 112 -7.12 -6.05 9.99
CA ARG A 112 -6.66 -7.42 10.06
C ARG A 112 -6.97 -8.12 8.75
N GLU A 113 -5.96 -8.78 8.19
CA GLU A 113 -6.09 -9.60 7.01
C GLU A 113 -6.46 -11.03 7.49
N ILE A 114 -7.46 -11.63 6.85
CA ILE A 114 -7.87 -13.00 7.15
C ILE A 114 -6.82 -13.97 6.60
N PRO A 115 -6.45 -15.00 7.37
CA PRO A 115 -5.49 -15.99 6.85
C PRO A 115 -5.89 -16.53 5.48
N GLU A 116 -4.94 -16.48 4.55
CA GLU A 116 -5.21 -16.74 3.14
C GLU A 116 -5.86 -18.10 2.90
N GLY A 117 -7.00 -18.10 2.24
CA GLY A 117 -7.68 -19.32 1.84
C GLY A 117 -8.58 -19.94 2.90
N ASN A 118 -8.63 -19.33 4.08
CA ASN A 118 -9.31 -19.96 5.21
C ASN A 118 -10.75 -19.45 5.32
N GLU A 119 -11.67 -20.23 4.74
CA GLU A 119 -13.10 -19.86 4.75
C GLU A 119 -13.73 -19.98 6.15
N LYS A 120 -13.18 -20.83 7.02
CA LYS A 120 -13.69 -20.92 8.40
C LYS A 120 -13.35 -19.65 9.16
N ALA A 121 -12.11 -19.16 8.99
CA ALA A 121 -11.70 -17.91 9.60
C ALA A 121 -12.53 -16.74 9.04
N LEU A 122 -12.81 -16.75 7.74
CA LEU A 122 -13.66 -15.74 7.16
C LEU A 122 -15.07 -15.79 7.76
N LYS A 123 -15.61 -16.98 7.93
CA LYS A 123 -16.95 -17.16 8.54
C LYS A 123 -16.96 -16.59 9.96
N ARG A 124 -15.95 -16.93 10.76
CA ARG A 124 -15.88 -16.44 12.13
C ARG A 124 -15.71 -14.94 12.20
N ALA A 125 -14.94 -14.37 11.27
CA ALA A 125 -14.78 -12.92 11.22
C ALA A 125 -16.11 -12.25 10.88
N VAL A 126 -16.82 -12.78 9.89
CA VAL A 126 -18.12 -12.21 9.54
C VAL A 126 -19.05 -12.30 10.75
N ALA A 127 -19.09 -13.44 11.41
CA ALA A 127 -19.99 -13.62 12.57
C ALA A 127 -19.67 -12.68 13.73
N ARG A 128 -18.38 -12.53 14.04
CA ARG A 128 -17.93 -11.94 15.30
C ARG A 128 -17.45 -10.51 15.19
N VAL A 129 -17.08 -10.10 14.00
CA VAL A 129 -16.66 -8.70 13.73
C VAL A 129 -17.74 -7.92 13.02
N GLY A 130 -18.17 -8.40 11.85
CA GLY A 130 -19.11 -7.68 11.00
C GLY A 130 -18.81 -7.95 9.54
N PRO A 131 -19.42 -7.18 8.65
CA PRO A 131 -19.11 -7.29 7.23
C PRO A 131 -17.61 -7.18 6.95
N VAL A 132 -17.11 -8.05 6.06
CA VAL A 132 -15.68 -8.17 5.79
C VAL A 132 -15.44 -7.85 4.30
N SER A 133 -14.43 -7.04 4.02
CA SER A 133 -14.00 -6.73 2.66
C SER A 133 -13.32 -7.95 2.04
N VAL A 134 -13.74 -8.30 0.82
CA VAL A 134 -13.19 -9.48 0.12
C VAL A 134 -12.91 -9.16 -1.34
N ALA A 135 -11.96 -9.89 -1.92
CA ALA A 135 -11.67 -9.84 -3.33
C ALA A 135 -11.98 -11.19 -3.96
N ILE A 136 -12.43 -11.11 -5.21
CA ILE A 136 -12.84 -12.29 -5.97
C ILE A 136 -12.45 -12.18 -7.43
N ASP A 137 -12.50 -13.34 -8.11
CA ASP A 137 -12.55 -13.37 -9.57
C ASP A 137 -14.00 -13.16 -10.00
N ALA A 138 -14.28 -11.96 -10.50
CA ALA A 138 -15.58 -11.60 -11.04
C ALA A 138 -15.57 -11.52 -12.57
N SER A 139 -14.59 -12.16 -13.22
CA SER A 139 -14.32 -11.88 -14.65
C SER A 139 -15.17 -12.70 -15.59
N LEU A 140 -15.84 -13.74 -15.08
CA LEU A 140 -16.65 -14.60 -15.94
C LEU A 140 -17.97 -13.98 -16.32
N THR A 141 -18.41 -14.30 -17.54
CA THR A 141 -19.70 -13.81 -18.01
C THR A 141 -20.83 -14.29 -17.06
N SER A 142 -20.66 -15.53 -16.56
CA SER A 142 -21.66 -16.07 -15.63
C SER A 142 -21.85 -15.22 -14.37
N PHE A 143 -20.76 -14.59 -13.90
CA PHE A 143 -20.85 -13.65 -12.79
C PHE A 143 -21.58 -12.40 -13.22
N GLN A 144 -21.21 -11.87 -14.38
CA GLN A 144 -21.82 -10.65 -14.87
C GLN A 144 -23.33 -10.76 -14.96
N PHE A 145 -23.83 -11.94 -15.38
CA PHE A 145 -25.28 -12.08 -15.53
C PHE A 145 -25.94 -12.83 -14.39
N TYR A 146 -25.31 -12.87 -13.23
CA TYR A 146 -25.93 -13.53 -12.05
C TYR A 146 -27.34 -13.01 -11.81
N SER A 147 -28.26 -13.92 -11.51
CA SER A 147 -29.63 -13.56 -11.13
C SER A 147 -30.09 -14.08 -9.75
N LYS A 148 -29.88 -15.36 -9.52
CA LYS A 148 -30.43 -16.02 -8.32
C LYS A 148 -29.69 -17.34 -8.07
N GLY A 149 -29.87 -17.86 -6.86
CA GLY A 149 -29.25 -19.12 -6.49
C GLY A 149 -27.87 -18.88 -5.94
N VAL A 150 -27.17 -19.98 -5.70
CA VAL A 150 -25.82 -19.92 -5.18
C VAL A 150 -24.83 -20.03 -6.34
N TYR A 151 -24.09 -18.94 -6.57
CA TYR A 151 -23.19 -18.83 -7.71
C TYR A 151 -21.99 -19.76 -7.55
N TYR A 152 -21.82 -20.63 -8.53
CA TYR A 152 -20.67 -21.49 -8.62
C TYR A 152 -20.41 -21.74 -10.09
N ASP A 153 -19.17 -21.46 -10.50
CA ASP A 153 -18.72 -21.73 -11.84
C ASP A 153 -17.35 -22.43 -11.72
N GLU A 154 -17.27 -23.63 -12.27
CA GLU A 154 -16.03 -24.42 -12.25
CA GLU A 154 -16.02 -24.40 -12.22
C GLU A 154 -14.83 -23.67 -12.87
N SER A 155 -15.11 -22.69 -13.74
CA SER A 155 -14.07 -21.89 -14.42
C SER A 155 -13.56 -20.69 -13.59
N CYS A 156 -14.17 -20.43 -12.43
CA CYS A 156 -13.71 -19.30 -11.60
C CYS A 156 -12.29 -19.59 -11.17
N ASN A 157 -11.45 -18.55 -11.15
CA ASN A 157 -10.02 -18.70 -10.91
C ASN A 157 -9.67 -18.09 -9.57
N SER A 158 -9.47 -18.93 -8.55
CA SER A 158 -9.19 -18.43 -7.21
CA SER A 158 -9.19 -18.43 -7.21
C SER A 158 -7.85 -17.70 -7.09
N ASP A 159 -6.98 -17.89 -8.11
CA ASP A 159 -5.66 -17.25 -8.20
CA ASP A 159 -5.66 -17.25 -8.19
C ASP A 159 -5.69 -15.96 -9.01
N ASN A 160 -6.87 -15.49 -9.45
CA ASN A 160 -6.97 -14.31 -10.32
C ASN A 160 -8.00 -13.35 -9.76
N LEU A 161 -7.61 -12.61 -8.74
CA LEU A 161 -8.54 -11.67 -8.09
C LEU A 161 -8.59 -10.37 -8.88
N ASN A 162 -9.81 -9.89 -9.13
CA ASN A 162 -9.99 -8.71 -10.00
C ASN A 162 -11.20 -7.84 -9.67
N HIS A 163 -11.80 -8.06 -8.52
CA HIS A 163 -12.93 -7.25 -8.08
C HIS A 163 -12.99 -7.29 -6.55
N ALA A 164 -13.46 -6.21 -5.95
CA ALA A 164 -13.60 -6.05 -4.50
C ALA A 164 -15.04 -5.84 -4.16
N VAL A 165 -15.53 -6.65 -3.21
CA VAL A 165 -16.92 -6.64 -2.77
C VAL A 165 -16.96 -6.80 -1.23
N LEU A 166 -18.14 -6.99 -0.67
CA LEU A 166 -18.33 -7.01 0.79
C LEU A 166 -19.11 -8.23 1.20
N ALA A 167 -18.54 -9.05 2.08
CA ALA A 167 -19.26 -10.21 2.63
C ALA A 167 -20.07 -9.73 3.83
N VAL A 168 -21.40 -9.73 3.67
CA VAL A 168 -22.32 -9.21 4.68
C VAL A 168 -23.03 -10.32 5.45
N GLY A 169 -22.66 -11.57 5.18
CA GLY A 169 -23.28 -12.69 5.85
C GLY A 169 -22.94 -13.99 5.16
N TYR A 170 -23.58 -15.04 5.62
CA TYR A 170 -23.38 -16.36 5.06
C TYR A 170 -24.56 -17.21 5.49
N GLY A 171 -24.76 -18.34 4.81
CA GLY A 171 -25.85 -19.23 5.17
C GLY A 171 -25.87 -20.43 4.25
N ILE A 172 -27.06 -20.97 3.99
CA ILE A 172 -27.23 -22.15 3.17
C ILE A 172 -28.55 -22.01 2.43
N GLN A 173 -28.56 -22.38 1.14
CA GLN A 173 -29.77 -22.35 0.34
C GLN A 173 -29.90 -23.71 -0.36
N LYS A 174 -30.97 -24.43 -0.02
CA LYS A 174 -31.23 -25.74 -0.60
CA LYS A 174 -31.23 -25.75 -0.60
C LYS A 174 -29.97 -26.62 -0.61
N GLY A 175 -29.31 -26.66 0.54
CA GLY A 175 -28.13 -27.47 0.74
C GLY A 175 -26.81 -26.88 0.31
N ASN A 176 -26.83 -25.75 -0.41
CA ASN A 176 -25.62 -25.13 -0.93
C ASN A 176 -25.20 -24.00 0.00
N LYS A 177 -24.10 -24.20 0.71
CA LYS A 177 -23.57 -23.15 1.61
C LYS A 177 -23.15 -21.95 0.78
N HIS A 178 -23.35 -20.75 1.32
CA HIS A 178 -23.02 -19.54 0.59
C HIS A 178 -22.53 -18.42 1.47
N TRP A 179 -21.93 -17.45 0.79
CA TRP A 179 -21.60 -16.12 1.29
C TRP A 179 -22.61 -15.15 0.71
N ILE A 180 -23.07 -14.20 1.52
CA ILE A 180 -23.94 -13.12 1.05
C ILE A 180 -23.05 -11.94 0.70
N ILE A 181 -23.05 -11.55 -0.58
CA ILE A 181 -22.10 -10.57 -1.10
C ILE A 181 -22.81 -9.33 -1.62
N LYS A 182 -22.41 -8.17 -1.10
CA LYS A 182 -22.90 -6.87 -1.56
C LYS A 182 -21.95 -6.39 -2.65
N ASN A 183 -22.50 -6.14 -3.84
CA ASN A 183 -21.73 -5.56 -4.93
C ASN A 183 -21.95 -4.05 -4.96
N SER A 184 -21.28 -3.35 -5.88
CA SER A 184 -21.39 -1.90 -6.01
C SER A 184 -21.65 -1.54 -7.47
N TRP A 185 -22.52 -2.35 -8.11
CA TRP A 185 -22.91 -2.14 -9.50
C TRP A 185 -24.40 -1.79 -9.60
N GLY A 186 -24.93 -1.17 -8.54
CA GLY A 186 -26.33 -0.75 -8.52
C GLY A 186 -27.30 -1.85 -8.13
N GLU A 187 -28.54 -1.47 -7.81
CA GLU A 187 -29.60 -2.44 -7.47
CA GLU A 187 -29.59 -2.46 -7.47
C GLU A 187 -30.12 -3.22 -8.68
N ASN A 188 -29.83 -2.72 -9.88
CA ASN A 188 -30.24 -3.37 -11.10
C ASN A 188 -29.40 -4.60 -11.46
N TRP A 189 -28.22 -4.72 -10.87
CA TRP A 189 -27.33 -5.85 -11.10
C TRP A 189 -27.69 -6.96 -10.14
N GLY A 190 -27.55 -8.21 -10.57
CA GLY A 190 -27.70 -9.33 -9.68
C GLY A 190 -29.09 -9.43 -9.09
N ASN A 191 -29.14 -9.76 -7.79
CA ASN A 191 -30.41 -9.83 -7.07
C ASN A 191 -30.49 -8.61 -6.16
N LYS A 192 -31.06 -7.53 -6.69
CA LYS A 192 -31.13 -6.25 -5.97
C LYS A 192 -29.73 -5.76 -5.56
N GLY A 193 -28.71 -6.07 -6.35
CA GLY A 193 -27.33 -5.64 -6.06
C GLY A 193 -26.46 -6.64 -5.34
N TYR A 194 -27.05 -7.77 -4.95
CA TYR A 194 -26.40 -8.83 -4.19
C TYR A 194 -26.21 -10.09 -5.00
N ILE A 195 -25.26 -10.90 -4.56
CA ILE A 195 -25.04 -12.23 -5.09
C ILE A 195 -24.75 -13.19 -3.93
N LEU A 196 -25.29 -14.38 -4.00
CA LEU A 196 -24.90 -15.47 -3.09
C LEU A 196 -23.81 -16.26 -3.80
N MET A 197 -22.66 -16.41 -3.14
CA MET A 197 -21.48 -17.09 -3.74
C MET A 197 -21.14 -18.33 -2.96
N ALA A 198 -20.79 -19.41 -3.68
CA ALA A 198 -20.52 -20.70 -3.02
C ALA A 198 -19.50 -20.58 -1.89
N ARG A 199 -19.85 -21.19 -0.77
CA ARG A 199 -19.03 -21.20 0.45
C ARG A 199 -18.63 -22.63 0.76
N ASN A 200 -17.38 -22.78 1.23
CA ASN A 200 -16.78 -24.09 1.54
C ASN A 200 -16.82 -25.00 0.31
N LYS A 201 -16.55 -24.40 -0.84
CA LYS A 201 -16.45 -25.13 -2.11
C LYS A 201 -15.09 -24.76 -2.70
N ASN A 202 -14.04 -25.15 -1.98
CA ASN A 202 -12.67 -25.01 -2.47
C ASN A 202 -12.30 -23.55 -2.72
N ASN A 203 -12.76 -22.69 -1.82
CA ASN A 203 -12.42 -21.27 -1.89
C ASN A 203 -12.81 -20.70 -3.26
N ALA A 204 -14.07 -20.94 -3.63
CA ALA A 204 -14.58 -20.59 -4.95
C ALA A 204 -14.41 -19.10 -5.27
N CYS A 205 -13.85 -18.82 -6.44
CA CYS A 205 -13.54 -17.48 -6.91
C CYS A 205 -12.54 -16.72 -6.04
N GLY A 206 -11.84 -17.44 -5.16
CA GLY A 206 -10.81 -16.83 -4.32
C GLY A 206 -11.31 -16.00 -3.16
N ILE A 207 -12.55 -16.25 -2.75
CA ILE A 207 -13.27 -15.44 -1.75
C ILE A 207 -12.50 -15.21 -0.43
N ALA A 208 -11.70 -16.17 0.01
CA ALA A 208 -10.93 -16.00 1.24
C ALA A 208 -9.45 -15.69 1.02
N ASN A 209 -9.05 -15.31 -0.19
CA ASN A 209 -7.63 -15.05 -0.48
C ASN A 209 -7.15 -13.62 -0.21
N LEU A 210 -8.06 -12.67 -0.17
CA LEU A 210 -7.67 -11.26 0.10
C LEU A 210 -8.77 -10.54 0.85
N ALA A 211 -9.08 -11.12 2.02
CA ALA A 211 -10.15 -10.62 2.89
C ALA A 211 -9.53 -9.84 4.05
N SER A 212 -10.19 -8.76 4.47
CA SER A 212 -9.73 -7.93 5.58
C SER A 212 -10.87 -7.16 6.22
N PHE A 213 -10.66 -6.77 7.48
CA PHE A 213 -11.62 -5.93 8.16
C PHE A 213 -10.93 -4.83 8.93
N PRO A 214 -11.59 -3.68 9.08
CA PRO A 214 -11.06 -2.60 9.89
C PRO A 214 -11.45 -2.75 11.35
N LYS A 215 -10.63 -2.16 12.22
CA LYS A 215 -10.89 -2.15 13.66
C LYS A 215 -11.26 -0.73 14.08
N MET A 216 -12.23 -0.61 14.97
CA MET A 216 -12.65 0.67 15.56
C MET A 216 -12.65 0.56 17.08
N ARG B 1 21.68 22.82 16.92
CA ARG B 1 21.57 23.41 15.58
C ARG B 1 21.73 22.30 14.54
N ALA B 2 20.88 22.32 13.52
CA ALA B 2 20.96 21.33 12.45
C ALA B 2 22.33 21.41 11.76
N PRO B 3 23.02 20.27 11.53
CA PRO B 3 24.33 20.36 10.88
C PRO B 3 24.26 20.96 9.47
N ASP B 4 25.31 21.68 9.07
CA ASP B 4 25.35 22.23 7.72
C ASP B 4 25.51 21.13 6.67
N SER B 5 26.17 20.04 7.05
CA SER B 5 26.34 18.89 6.18
C SER B 5 26.27 17.60 6.95
N VAL B 6 25.74 16.57 6.31
CA VAL B 6 25.63 15.22 6.87
C VAL B 6 26.01 14.26 5.75
N ASP B 7 26.82 13.24 6.04
CA ASP B 7 27.15 12.25 5.03
C ASP B 7 27.28 10.91 5.71
N TYR B 8 26.21 10.11 5.63
CA TYR B 8 26.18 8.80 6.25
C TYR B 8 27.17 7.79 5.65
N ARG B 9 27.65 8.05 4.44
CA ARG B 9 28.66 7.19 3.87
C ARG B 9 29.93 7.20 4.73
N LYS B 10 30.23 8.36 5.31
CA LYS B 10 31.44 8.52 6.11
C LYS B 10 31.37 7.82 7.47
N LYS B 11 30.17 7.42 7.87
CA LYS B 11 29.89 6.93 9.21
C LYS B 11 29.51 5.47 9.21
N GLY B 12 29.63 4.79 8.06
CA GLY B 12 29.40 3.34 8.02
C GLY B 12 27.94 2.93 8.06
N TYR B 13 27.06 3.81 7.59
CA TYR B 13 25.61 3.55 7.58
C TYR B 13 25.09 3.11 6.22
N VAL B 14 25.95 3.12 5.20
CA VAL B 14 25.49 2.90 3.83
C VAL B 14 26.25 1.74 3.18
N THR B 15 25.51 0.78 2.65
CA THR B 15 26.07 -0.39 2.01
C THR B 15 26.50 -0.02 0.58
N PRO B 16 27.19 -0.95 -0.11
CA PRO B 16 27.57 -0.62 -1.47
C PRO B 16 26.41 -0.37 -2.40
N VAL B 17 26.67 0.36 -3.47
CA VAL B 17 25.69 0.63 -4.50
C VAL B 17 25.31 -0.65 -5.23
N LYS B 18 24.01 -0.84 -5.40
CA LYS B 18 23.44 -2.00 -6.09
C LYS B 18 22.95 -1.63 -7.48
N ASN B 19 22.64 -2.66 -8.26
CA ASN B 19 22.10 -2.52 -9.61
C ASN B 19 20.79 -3.28 -9.69
N GLN B 20 19.69 -2.55 -9.81
CA GLN B 20 18.36 -3.16 -9.91
C GLN B 20 18.19 -3.98 -11.19
N GLY B 21 18.99 -3.73 -12.22
CA GLY B 21 18.87 -4.54 -13.44
C GLY B 21 17.58 -4.23 -14.17
N GLN B 22 17.04 -5.25 -14.86
CA GLN B 22 15.87 -5.06 -15.71
CA GLN B 22 15.87 -5.10 -15.71
C GLN B 22 14.63 -5.53 -14.94
N CYS B 23 14.38 -4.80 -13.86
CA CYS B 23 13.25 -5.03 -12.95
C CYS B 23 12.88 -3.66 -12.37
N GLY B 24 11.58 -3.40 -12.28
CA GLY B 24 11.06 -2.14 -11.69
C GLY B 24 11.06 -2.16 -10.17
N SER B 25 12.23 -2.40 -9.58
CA SER B 25 12.40 -2.61 -8.15
C SER B 25 13.12 -1.43 -7.47
N CYS B 26 13.19 -0.26 -8.13
CA CYS B 26 13.83 0.92 -7.49
C CYS B 26 13.30 1.13 -6.06
N TRP B 27 11.99 0.99 -5.90
CA TRP B 27 11.32 1.15 -4.61
C TRP B 27 11.88 0.22 -3.53
N ALA B 28 12.23 -1.00 -3.93
CA ALA B 28 12.74 -2.01 -3.01
C ALA B 28 14.16 -1.68 -2.58
N PHE B 29 14.99 -1.19 -3.50
CA PHE B 29 16.32 -0.73 -3.14
C PHE B 29 16.27 0.48 -2.24
N SER B 30 15.40 1.43 -2.55
CA SER B 30 15.21 2.61 -1.72
C SER B 30 14.83 2.20 -0.29
N SER B 31 13.88 1.27 -0.18
CA SER B 31 13.41 0.79 1.10
C SER B 31 14.49 0.08 1.89
N VAL B 32 15.20 -0.86 1.27
CA VAL B 32 16.26 -1.57 1.99
C VAL B 32 17.35 -0.62 2.44
N GLY B 33 17.68 0.38 1.62
CA GLY B 33 18.72 1.32 2.04
C GLY B 33 18.35 2.07 3.32
N ALA B 34 17.10 2.50 3.43
CA ALA B 34 16.64 3.18 4.64
C ALA B 34 16.64 2.22 5.85
N LEU B 35 16.20 0.97 5.64
CA LEU B 35 16.27 -0.03 6.70
C LEU B 35 17.70 -0.34 7.15
N GLU B 36 18.62 -0.42 6.20
CA GLU B 36 20.04 -0.71 6.48
C GLU B 36 20.61 0.38 7.38
N GLY B 37 20.27 1.64 7.11
CA GLY B 37 20.74 2.76 7.94
C GLY B 37 20.25 2.62 9.39
N GLN B 38 18.96 2.36 9.55
CA GLN B 38 18.40 2.20 10.88
C GLN B 38 18.92 0.98 11.60
N LEU B 39 19.20 -0.10 10.86
CA LEU B 39 19.74 -1.32 11.46
C LEU B 39 21.14 -1.03 12.02
N LYS B 40 21.96 -0.31 11.26
CA LYS B 40 23.30 0.05 11.75
C LYS B 40 23.22 0.91 13.01
N LYS B 41 22.35 1.91 12.96
CA LYS B 41 22.21 2.84 14.08
C LYS B 41 21.80 2.13 15.37
N LYS B 42 20.88 1.17 15.24
CA LYS B 42 20.33 0.47 16.42
C LYS B 42 21.22 -0.65 16.92
N THR B 43 21.79 -1.43 16.01
CA THR B 43 22.40 -2.73 16.37
C THR B 43 23.90 -2.76 16.18
N GLY B 44 24.47 -1.75 15.53
CA GLY B 44 25.90 -1.71 15.26
C GLY B 44 26.34 -2.47 14.01
N LYS B 45 25.41 -3.13 13.32
CA LYS B 45 25.75 -3.96 12.17
CA LYS B 45 25.71 -3.99 12.17
C LYS B 45 25.33 -3.30 10.86
N LEU B 46 26.27 -3.22 9.92
CA LEU B 46 26.00 -2.79 8.56
C LEU B 46 25.93 -4.04 7.69
N LEU B 47 24.76 -4.32 7.13
CA LEU B 47 24.64 -5.48 6.26
C LEU B 47 23.60 -5.24 5.20
N ASN B 48 23.75 -5.97 4.10
CA ASN B 48 22.82 -5.84 2.98
C ASN B 48 21.51 -6.52 3.32
N LEU B 49 20.40 -5.80 3.21
CA LEU B 49 19.08 -6.42 3.37
C LEU B 49 18.53 -6.81 2.00
N SER B 50 17.47 -7.60 1.98
CA SER B 50 16.98 -8.23 0.76
C SER B 50 15.93 -7.44 -0.01
N PRO B 51 16.29 -6.77 -1.13
CA PRO B 51 15.24 -6.19 -1.95
C PRO B 51 14.36 -7.26 -2.60
N GLN B 52 14.90 -8.45 -2.87
CA GLN B 52 14.09 -9.51 -3.49
C GLN B 52 12.95 -9.95 -2.57
N ASN B 53 13.21 -10.01 -1.26
CA ASN B 53 12.17 -10.29 -0.26
C ASN B 53 11.01 -9.33 -0.45
N LEU B 54 11.31 -8.05 -0.62
CA LEU B 54 10.27 -7.05 -0.82
C LEU B 54 9.56 -7.24 -2.16
N VAL B 55 10.33 -7.38 -3.23
CA VAL B 55 9.76 -7.58 -4.58
C VAL B 55 8.76 -8.73 -4.59
N ASP B 56 9.16 -9.86 -4.00
CA ASP B 56 8.36 -11.08 -4.08
C ASP B 56 7.18 -11.10 -3.11
N CYS B 57 7.27 -10.35 -2.01
CA CYS B 57 6.37 -10.56 -0.85
C CYS B 57 5.46 -9.40 -0.46
N VAL B 58 5.71 -8.19 -0.98
CA VAL B 58 4.89 -7.03 -0.65
C VAL B 58 3.72 -7.04 -1.66
N SER B 59 2.58 -7.61 -1.28
CA SER B 59 1.46 -7.76 -2.18
C SER B 59 0.76 -6.44 -2.54
N GLU B 60 0.94 -5.41 -1.73
CA GLU B 60 0.45 -4.08 -2.05
C GLU B 60 1.23 -3.38 -3.17
N ASN B 61 2.43 -3.90 -3.46
CA ASN B 61 3.23 -3.42 -4.59
C ASN B 61 3.13 -4.36 -5.77
N ASP B 62 3.71 -3.96 -6.90
CA ASP B 62 3.65 -4.76 -8.12
C ASP B 62 5.00 -5.36 -8.52
N GLY B 63 5.81 -5.75 -7.53
CA GLY B 63 7.02 -6.50 -7.80
C GLY B 63 7.99 -5.78 -8.72
N CYS B 64 8.30 -6.39 -9.87
CA CYS B 64 9.15 -5.80 -10.88
C CYS B 64 8.41 -4.78 -11.74
N GLY B 65 7.17 -4.47 -11.41
CA GLY B 65 6.45 -3.38 -12.07
C GLY B 65 6.23 -2.16 -11.22
N GLY B 66 7.01 -2.00 -10.15
CA GLY B 66 6.93 -0.79 -9.33
C GLY B 66 6.23 -0.96 -7.99
N GLY B 67 6.43 0.03 -7.13
CA GLY B 67 5.87 -0.03 -5.79
C GLY B 67 6.14 1.23 -5.02
N TYR B 68 5.64 1.25 -3.78
CA TYR B 68 5.92 2.35 -2.83
C TYR B 68 6.71 1.85 -1.64
N MET B 69 7.54 2.75 -1.11
CA MET B 69 8.39 2.44 0.04
C MET B 69 7.58 2.33 1.31
N THR B 70 6.54 3.16 1.44
CA THR B 70 5.67 3.06 2.61
C THR B 70 5.09 1.64 2.73
N ASN B 71 4.66 1.08 1.60
CA ASN B 71 4.11 -0.29 1.62
C ASN B 71 5.17 -1.32 2.02
N ALA B 72 6.41 -1.08 1.63
CA ALA B 72 7.51 -1.96 2.02
C ALA B 72 7.72 -1.96 3.54
N PHE B 73 7.75 -0.77 4.14
CA PHE B 73 7.94 -0.67 5.58
C PHE B 73 6.77 -1.32 6.30
N GLN B 74 5.55 -1.10 5.79
CA GLN B 74 4.36 -1.71 6.38
C GLN B 74 4.47 -3.23 6.36
N TYR B 75 4.93 -3.79 5.24
CA TYR B 75 5.14 -5.23 5.14
C TYR B 75 6.16 -5.74 6.17
N VAL B 76 7.29 -5.05 6.30
CA VAL B 76 8.31 -5.53 7.22
C VAL B 76 7.75 -5.58 8.64
N GLN B 77 6.96 -4.56 9.01
CA GLN B 77 6.30 -4.53 10.31
C GLN B 77 5.30 -5.68 10.46
N LYS B 78 4.35 -5.78 9.53
CA LYS B 78 3.29 -6.82 9.60
C LYS B 78 3.89 -8.23 9.56
N ASN B 79 4.95 -8.39 8.77
CA ASN B 79 5.62 -9.67 8.59
C ASN B 79 6.54 -10.08 9.75
N ARG B 80 6.83 -9.11 10.62
CA ARG B 80 7.75 -9.27 11.74
CA ARG B 80 7.76 -9.25 11.75
C ARG B 80 9.18 -9.57 11.29
N GLY B 81 9.54 -9.07 10.09
CA GLY B 81 10.91 -9.24 9.64
C GLY B 81 11.14 -9.04 8.17
N ILE B 82 12.42 -8.83 7.85
CA ILE B 82 12.93 -8.86 6.48
C ILE B 82 14.22 -9.69 6.52
N ASP B 83 14.45 -10.45 5.46
CA ASP B 83 15.64 -11.25 5.34
C ASP B 83 16.85 -10.44 4.89
N SER B 84 18.04 -10.96 5.18
CA SER B 84 19.27 -10.43 4.60
C SER B 84 19.36 -10.76 3.12
N GLU B 85 20.16 -9.98 2.40
CA GLU B 85 20.51 -10.27 1.01
C GLU B 85 21.14 -11.67 0.91
N ASP B 86 22.03 -12.02 1.82
CA ASP B 86 22.68 -13.34 1.75
C ASP B 86 21.68 -14.48 1.82
N ALA B 87 20.68 -14.33 2.69
CA ALA B 87 19.66 -15.36 2.87
C ALA B 87 18.64 -15.40 1.73
N TYR B 88 18.43 -14.26 1.06
CA TYR B 88 17.36 -14.13 0.05
C TYR B 88 17.89 -13.22 -1.07
N PRO B 89 18.75 -13.79 -1.92
CA PRO B 89 19.52 -12.94 -2.83
C PRO B 89 18.73 -12.36 -3.99
N TYR B 90 19.25 -11.28 -4.56
CA TYR B 90 18.57 -10.54 -5.62
C TYR B 90 18.76 -11.22 -6.97
N VAL B 91 17.66 -11.51 -7.63
CA VAL B 91 17.67 -12.12 -8.97
C VAL B 91 17.01 -11.25 -10.04
N GLY B 92 16.36 -10.15 -9.66
CA GLY B 92 15.84 -9.21 -10.65
C GLY B 92 14.67 -9.72 -11.48
N GLN B 93 13.93 -10.70 -10.94
CA GLN B 93 12.65 -11.13 -11.52
CA GLN B 93 12.71 -11.26 -11.55
C GLN B 93 11.77 -11.60 -10.39
N GLU B 94 10.47 -11.49 -10.60
CA GLU B 94 9.50 -11.86 -9.57
C GLU B 94 9.42 -13.34 -9.43
N GLU B 95 9.38 -13.80 -8.19
CA GLU B 95 9.17 -15.21 -7.88
C GLU B 95 8.18 -15.24 -6.72
N SER B 96 7.60 -16.40 -6.46
CA SER B 96 6.71 -16.50 -5.32
C SER B 96 7.51 -16.20 -4.03
N CYS B 97 6.83 -15.66 -3.04
CA CYS B 97 7.49 -15.24 -1.81
C CYS B 97 8.21 -16.40 -1.09
N MET B 98 9.51 -16.21 -0.89
CA MET B 98 10.42 -17.21 -0.29
CA MET B 98 10.36 -17.22 -0.27
C MET B 98 10.89 -16.71 1.09
N TYR B 99 10.17 -15.77 1.73
CA TYR B 99 10.58 -15.25 3.05
C TYR B 99 10.76 -16.39 4.03
N ASN B 100 11.87 -16.38 4.76
CA ASN B 100 12.14 -17.39 5.77
C ASN B 100 12.59 -16.69 7.04
N PRO B 101 11.87 -16.90 8.15
CA PRO B 101 12.27 -16.24 9.39
C PRO B 101 13.68 -16.62 9.87
N THR B 102 14.25 -17.77 9.44
CA THR B 102 15.63 -18.11 9.82
CA THR B 102 15.63 -18.12 9.80
C THR B 102 16.65 -17.10 9.28
N GLY B 103 16.33 -16.49 8.15
CA GLY B 103 17.18 -15.47 7.54
C GLY B 103 16.92 -14.03 7.94
N LYS B 104 16.03 -13.83 8.91
CA LYS B 104 15.63 -12.50 9.39
C LYS B 104 16.80 -11.69 9.90
N ALA B 105 16.92 -10.48 9.38
CA ALA B 105 18.05 -9.61 9.71
C ALA B 105 17.66 -8.23 10.20
N ALA B 106 16.39 -7.87 10.08
CA ALA B 106 15.90 -6.59 10.64
C ALA B 106 14.40 -6.69 10.86
N LYS B 107 13.92 -5.75 11.69
CA LYS B 107 12.50 -5.56 11.94
CA LYS B 107 12.51 -5.56 11.99
C LYS B 107 12.15 -4.11 11.72
N CYS B 108 10.85 -3.82 11.73
CA CYS B 108 10.36 -2.46 11.54
C CYS B 108 9.14 -2.28 12.44
N ARG B 109 9.09 -1.15 13.16
CA ARG B 109 7.99 -0.85 14.09
CA ARG B 109 8.03 -0.82 14.09
C ARG B 109 7.19 0.36 13.60
N GLY B 110 7.15 0.53 12.28
CA GLY B 110 6.30 1.51 11.61
C GLY B 110 7.13 2.42 10.73
N TYR B 111 6.53 3.50 10.27
CA TYR B 111 7.22 4.44 9.39
C TYR B 111 6.66 5.81 9.56
N ARG B 112 7.38 6.80 9.04
CA ARG B 112 6.95 8.19 9.05
C ARG B 112 7.16 8.80 7.69
N GLU B 113 6.24 9.68 7.32
CA GLU B 113 6.24 10.36 6.02
CA GLU B 113 6.27 10.37 6.04
C GLU B 113 6.66 11.80 6.28
N ILE B 114 7.54 12.33 5.44
CA ILE B 114 7.94 13.74 5.53
C ILE B 114 6.80 14.58 4.93
N PRO B 115 6.45 15.72 5.57
CA PRO B 115 5.40 16.54 4.99
C PRO B 115 5.72 16.94 3.54
N GLU B 116 4.73 16.78 2.67
CA GLU B 116 4.92 16.94 1.23
C GLU B 116 5.54 18.31 0.87
N GLY B 117 6.65 18.28 0.16
CA GLY B 117 7.32 19.47 -0.35
C GLY B 117 8.25 20.18 0.61
N ASN B 118 8.35 19.67 1.84
CA ASN B 118 9.07 20.39 2.89
C ASN B 118 10.51 19.90 2.97
N GLU B 119 11.41 20.62 2.29
CA GLU B 119 12.84 20.25 2.27
C GLU B 119 13.52 20.46 3.61
N LYS B 120 13.02 21.41 4.42
CA LYS B 120 13.58 21.61 5.77
C LYS B 120 13.29 20.41 6.67
N ALA B 121 12.07 19.89 6.58
CA ALA B 121 11.69 18.69 7.32
C ALA B 121 12.51 17.49 6.84
N LEU B 122 12.73 17.38 5.54
CA LEU B 122 13.56 16.30 5.02
C LEU B 122 15.00 16.42 5.56
N LYS B 123 15.53 17.64 5.58
CA LYS B 123 16.87 17.88 6.10
C LYS B 123 16.96 17.44 7.58
N ARG B 124 15.98 17.84 8.38
CA ARG B 124 15.93 17.45 9.80
C ARG B 124 15.87 15.95 9.99
N ALA B 125 15.07 15.27 9.17
CA ALA B 125 14.97 13.84 9.28
C ALA B 125 16.30 13.17 8.90
N VAL B 126 16.94 13.62 7.84
CA VAL B 126 18.24 13.05 7.48
C VAL B 126 19.23 13.26 8.62
N ALA B 127 19.26 14.47 9.17
CA ALA B 127 20.19 14.76 10.29
C ALA B 127 19.94 13.96 11.55
N ARG B 128 18.67 13.78 11.92
CA ARG B 128 18.31 13.20 13.22
CA ARG B 128 18.29 13.18 13.22
C ARG B 128 18.04 11.69 13.19
N VAL B 129 17.57 11.19 12.06
CA VAL B 129 17.14 9.80 11.93
C VAL B 129 18.18 8.96 11.19
N GLY B 130 18.50 9.36 9.97
CA GLY B 130 19.35 8.58 9.12
C GLY B 130 18.97 8.74 7.66
N PRO B 131 19.51 7.87 6.81
CA PRO B 131 19.09 7.87 5.41
C PRO B 131 17.58 7.74 5.22
N VAL B 132 17.04 8.52 4.29
CA VAL B 132 15.58 8.63 4.08
C VAL B 132 15.27 8.20 2.66
N SER B 133 14.23 7.38 2.49
CA SER B 133 13.74 6.99 1.17
C SER B 133 13.03 8.17 0.51
N VAL B 134 13.36 8.44 -0.75
CA VAL B 134 12.79 9.58 -1.49
C VAL B 134 12.42 9.17 -2.91
N ALA B 135 11.47 9.90 -3.47
CA ALA B 135 11.09 9.76 -4.87
C ALA B 135 11.43 11.01 -5.64
N ILE B 136 11.82 10.82 -6.90
CA ILE B 136 12.18 11.92 -7.79
C ILE B 136 11.67 11.71 -9.21
N ASP B 137 11.67 12.80 -9.98
CA ASP B 137 11.67 12.73 -11.45
C ASP B 137 13.10 12.48 -11.91
N ALA B 138 13.38 11.25 -12.31
CA ALA B 138 14.68 10.83 -12.87
C ALA B 138 14.58 10.54 -14.37
N SER B 139 13.67 11.23 -15.06
CA SER B 139 13.40 10.89 -16.47
C SER B 139 14.30 11.57 -17.49
N LEU B 140 14.99 12.63 -17.11
CA LEU B 140 15.71 13.45 -18.09
C LEU B 140 17.05 12.87 -18.47
N THR B 141 17.51 13.11 -19.70
CA THR B 141 18.88 12.68 -20.05
C THR B 141 19.88 13.41 -19.22
N SER B 142 19.63 14.63 -18.76
CA SER B 142 20.61 15.31 -17.90
C SER B 142 20.88 14.51 -16.61
N PHE B 143 19.84 13.85 -16.09
CA PHE B 143 20.01 12.97 -14.92
C PHE B 143 20.81 11.73 -15.32
N GLN B 144 20.44 11.13 -16.44
CA GLN B 144 21.12 9.94 -16.95
C GLN B 144 22.62 10.18 -17.14
N PHE B 145 22.98 11.37 -17.60
CA PHE B 145 24.32 11.76 -17.95
C PHE B 145 25.10 12.39 -16.79
N TYR B 146 24.53 12.41 -15.58
CA TYR B 146 25.23 13.05 -14.46
C TYR B 146 26.62 12.42 -14.26
N SER B 147 27.62 13.25 -13.98
CA SER B 147 28.94 12.74 -13.55
C SER B 147 29.51 13.46 -12.34
N LYS B 148 29.28 14.76 -12.16
CA LYS B 148 29.90 15.53 -11.09
C LYS B 148 29.15 16.83 -10.82
N GLY B 149 29.33 17.42 -9.65
CA GLY B 149 28.69 18.68 -9.32
C GLY B 149 27.30 18.52 -8.78
N VAL B 150 26.59 19.62 -8.64
CA VAL B 150 25.25 19.59 -8.09
C VAL B 150 24.23 19.63 -9.25
N TYR B 151 23.51 18.53 -9.39
CA TYR B 151 22.52 18.37 -10.46
C TYR B 151 21.32 19.30 -10.28
N TYR B 152 21.07 20.11 -11.31
CA TYR B 152 19.87 20.90 -11.41
C TYR B 152 19.46 21.03 -12.87
N ASP B 153 18.20 20.78 -13.15
CA ASP B 153 17.65 21.00 -14.48
C ASP B 153 16.28 21.66 -14.29
N GLU B 154 16.09 22.84 -14.88
CA GLU B 154 14.80 23.54 -14.78
C GLU B 154 13.62 22.73 -15.34
N SER B 155 13.92 21.76 -16.20
CA SER B 155 12.92 20.90 -16.86
C SER B 155 12.54 19.67 -16.02
N CYS B 156 13.19 19.48 -14.87
CA CYS B 156 12.77 18.42 -13.96
C CYS B 156 11.35 18.77 -13.48
N ASN B 157 10.52 17.78 -13.32
CA ASN B 157 9.11 17.98 -13.00
CA ASN B 157 9.16 18.09 -12.95
C ASN B 157 8.81 17.45 -11.60
N SER B 158 8.67 18.35 -10.63
CA SER B 158 8.44 17.94 -9.24
CA SER B 158 8.43 17.97 -9.24
C SER B 158 7.10 17.23 -9.02
N ASP B 159 6.18 17.36 -9.98
CA ASP B 159 4.86 16.74 -9.99
CA ASP B 159 4.90 16.63 -9.87
C ASP B 159 4.85 15.44 -10.83
N ASN B 160 6.01 14.93 -11.19
CA ASN B 160 6.09 13.73 -12.04
C ASN B 160 7.12 12.77 -11.51
N LEU B 161 6.80 12.18 -10.37
CA LEU B 161 7.71 11.27 -9.70
C LEU B 161 7.71 9.91 -10.41
N ASN B 162 8.89 9.38 -10.65
CA ASN B 162 9.00 8.15 -11.42
C ASN B 162 10.20 7.28 -11.07
N HIS B 163 10.84 7.56 -9.94
CA HIS B 163 12.00 6.79 -9.52
C HIS B 163 12.14 6.91 -8.01
N ALA B 164 12.67 5.89 -7.38
CA ALA B 164 12.88 5.84 -5.93
C ALA B 164 14.34 5.64 -5.64
N VAL B 165 14.87 6.50 -4.76
CA VAL B 165 16.29 6.51 -4.41
C VAL B 165 16.44 6.76 -2.90
N LEU B 166 17.64 6.99 -2.42
CA LEU B 166 17.92 7.12 -0.98
C LEU B 166 18.73 8.36 -0.71
N ALA B 167 18.22 9.24 0.17
CA ALA B 167 18.98 10.41 0.59
C ALA B 167 19.86 9.99 1.75
N VAL B 168 21.18 9.98 1.53
CA VAL B 168 22.16 9.55 2.53
C VAL B 168 22.88 10.71 3.19
N GLY B 169 22.47 11.93 2.87
CA GLY B 169 23.10 13.10 3.42
C GLY B 169 22.71 14.35 2.66
N TYR B 170 23.37 15.44 3.00
CA TYR B 170 23.14 16.71 2.37
C TYR B 170 24.34 17.58 2.65
N GLY B 171 24.48 18.68 1.94
CA GLY B 171 25.56 19.59 2.22
C GLY B 171 25.55 20.75 1.25
N ILE B 172 26.74 21.30 1.03
CA ILE B 172 26.88 22.48 0.20
C ILE B 172 28.21 22.31 -0.54
N GLN B 173 28.18 22.53 -1.86
CA GLN B 173 29.39 22.47 -2.68
C GLN B 173 29.52 23.77 -3.46
N LYS B 174 30.58 24.53 -3.15
CA LYS B 174 30.80 25.84 -3.77
CA LYS B 174 30.80 25.87 -3.68
C LYS B 174 29.51 26.68 -3.80
N GLY B 175 28.85 26.75 -2.65
CA GLY B 175 27.65 27.51 -2.46
C GLY B 175 26.35 26.87 -2.91
N ASN B 176 26.41 25.75 -3.61
CA ASN B 176 25.22 25.07 -4.09
C ASN B 176 24.80 23.99 -3.10
N LYS B 177 23.68 24.23 -2.41
CA LYS B 177 23.15 23.27 -1.45
CA LYS B 177 23.15 23.27 -1.44
C LYS B 177 22.70 22.03 -2.20
N HIS B 178 22.93 20.86 -1.61
CA HIS B 178 22.58 19.61 -2.24
C HIS B 178 22.12 18.55 -1.28
N TRP B 179 21.50 17.54 -1.86
CA TRP B 179 21.19 16.23 -1.27
C TRP B 179 22.18 15.22 -1.82
N ILE B 180 22.67 14.33 -0.98
CA ILE B 180 23.51 13.21 -1.41
C ILE B 180 22.61 12.01 -1.66
N ILE B 181 22.56 11.53 -2.90
CA ILE B 181 21.58 10.54 -3.33
C ILE B 181 22.26 9.26 -3.81
N LYS B 182 21.88 8.14 -3.19
CA LYS B 182 22.33 6.81 -3.61
C LYS B 182 21.31 6.27 -4.58
N ASN B 183 21.76 5.97 -5.80
CA ASN B 183 20.91 5.35 -6.81
C ASN B 183 21.11 3.83 -6.77
N SER B 184 20.32 3.12 -7.57
CA SER B 184 20.41 1.66 -7.70
C SER B 184 20.59 1.30 -9.19
N TRP B 185 21.44 2.04 -9.89
CA TRP B 185 21.78 1.78 -11.28
C TRP B 185 23.24 1.30 -11.42
N GLY B 186 23.79 0.75 -10.35
CA GLY B 186 25.18 0.29 -10.37
C GLY B 186 26.21 1.38 -10.15
N GLU B 187 27.45 0.95 -9.91
CA GLU B 187 28.54 1.90 -9.62
CA GLU B 187 28.58 1.85 -9.64
C GLU B 187 29.06 2.60 -10.87
N ASN B 188 28.74 2.07 -12.04
CA ASN B 188 29.19 2.70 -13.27
C ASN B 188 28.39 3.91 -13.68
N TRP B 189 27.22 4.08 -13.06
CA TRP B 189 26.37 5.21 -13.33
C TRP B 189 26.78 6.38 -12.44
N GLY B 190 26.64 7.62 -12.94
CA GLY B 190 26.80 8.79 -12.07
C GLY B 190 28.20 8.90 -11.56
N ASN B 191 28.32 9.28 -10.29
CA ASN B 191 29.62 9.34 -9.64
C ASN B 191 29.72 8.17 -8.68
N LYS B 192 30.25 7.05 -9.19
CA LYS B 192 30.30 5.80 -8.42
C LYS B 192 28.92 5.35 -7.91
N GLY B 193 27.86 5.66 -8.67
CA GLY B 193 26.49 5.28 -8.31
C GLY B 193 25.68 6.31 -7.56
N TYR B 194 26.31 7.45 -7.25
CA TYR B 194 25.73 8.54 -6.50
C TYR B 194 25.54 9.78 -7.36
N ILE B 195 24.65 10.65 -6.89
CA ILE B 195 24.41 11.95 -7.49
C ILE B 195 24.15 12.96 -6.39
N LEU B 196 24.69 14.17 -6.54
CA LEU B 196 24.33 15.29 -5.69
C LEU B 196 23.22 16.05 -6.41
N MET B 197 22.10 16.24 -5.73
CA MET B 197 20.91 16.88 -6.35
C MET B 197 20.59 18.18 -5.63
N ALA B 198 20.23 19.22 -6.38
CA ALA B 198 19.97 20.53 -5.81
C ALA B 198 18.98 20.49 -4.65
N ARG B 199 19.35 21.19 -3.59
CA ARG B 199 18.58 21.31 -2.36
C ARG B 199 18.16 22.77 -2.16
N ASN B 200 16.94 22.95 -1.66
CA ASN B 200 16.32 24.26 -1.41
C ASN B 200 16.27 25.09 -2.71
N LYS B 201 15.97 24.41 -3.79
CA LYS B 201 15.81 25.04 -5.11
C LYS B 201 14.48 24.61 -5.67
N ASN B 202 13.41 25.11 -5.05
CA ASN B 202 12.05 24.83 -5.52
C ASN B 202 11.71 23.35 -5.50
N ASN B 203 12.19 22.62 -4.51
CA ASN B 203 11.88 21.17 -4.40
C ASN B 203 12.25 20.46 -5.71
N ALA B 204 13.47 20.68 -6.14
CA ALA B 204 13.93 20.22 -7.46
C ALA B 204 13.75 18.72 -7.65
N CYS B 205 13.12 18.36 -8.78
CA CYS B 205 12.80 16.97 -9.14
C CYS B 205 11.85 16.29 -8.15
N GLY B 206 11.20 17.07 -7.29
CA GLY B 206 10.21 16.52 -6.35
C GLY B 206 10.79 15.79 -5.16
N ILE B 207 12.05 16.09 -4.83
CA ILE B 207 12.82 15.37 -3.80
C ILE B 207 12.11 15.22 -2.44
N ALA B 208 11.33 16.22 -2.02
CA ALA B 208 10.61 16.14 -0.75
C ALA B 208 9.12 15.81 -0.88
N ASN B 209 8.68 15.32 -2.04
CA ASN B 209 7.25 15.02 -2.25
C ASN B 209 6.78 13.65 -1.81
N LEU B 210 7.67 12.68 -1.70
CA LEU B 210 7.27 11.33 -1.28
C LEU B 210 8.42 10.66 -0.54
N ALA B 211 8.79 11.29 0.56
CA ALA B 211 9.89 10.87 1.40
C ALA B 211 9.37 10.21 2.66
N SER B 212 10.02 9.12 3.05
CA SER B 212 9.64 8.37 4.23
C SER B 212 10.81 7.62 4.83
N PHE B 213 10.67 7.24 6.11
CA PHE B 213 11.71 6.43 6.76
C PHE B 213 11.07 5.44 7.71
N PRO B 214 11.75 4.30 7.92
CA PRO B 214 11.25 3.30 8.85
C PRO B 214 11.67 3.60 10.27
N LYS B 215 10.84 3.17 11.20
CA LYS B 215 11.16 3.16 12.62
C LYS B 215 11.59 1.75 13.02
N MET B 216 12.57 1.66 13.91
CA MET B 216 12.98 0.37 14.47
C MET B 216 12.90 0.38 15.98
C1 HFH C . -11.41 -2.47 -11.28
C2 HFH C . -11.28 -2.25 -9.77
C3 HFH C . -12.65 -2.54 -9.27
O5 HFH C . -12.57 -3.30 -11.45
N6 HFH C . -10.24 -3.22 -9.37
C7 HFH C . -10.15 -3.18 -11.68
C8 HFH C . -9.87 -4.07 -10.50
C11 HFH C . -9.56 -3.10 -8.24
C12 HFH C . -8.63 -4.19 -7.78
C14 HFH C . -9.19 -4.79 -6.51
C16 HFH C . -6.45 -3.37 -8.56
C19 HFH C . -8.85 -6.17 -4.47
C21 HFH C . -5.30 -2.45 -8.29
C22 HFH C . -4.66 -2.36 -7.06
C24 HFH C . -3.24 -0.63 -7.93
C27 HFH C . -2.21 0.42 -7.76
C30 HFH C . -0.79 2.01 -8.45
C33 HFH C . 0.77 3.79 -8.89
C34 HFH C . 1.02 4.89 -9.90
F10 HFH C . -9.11 -2.28 -11.81
C4 HFH C . -13.09 -3.67 -10.17
O9 HFH C . -13.47 -1.41 -9.58
O13 HFH C . -9.62 -2.09 -7.54
C17 HFH C . -8.34 -5.88 -5.87
C18 HFH C . -8.32 -7.13 -6.72
N15 HFH C . -7.30 -3.64 -7.55
O20 HFH C . -6.67 -3.76 -9.71
C23 HFH C . -3.62 -1.43 -6.87
C25 HFH C . -3.91 -0.68 -9.16
C26 HFH C . -4.92 -1.60 -9.34
C28 HFH C . -1.90 1.00 -6.55
S29 HFH C . -0.77 2.27 -6.74
N31 HFH C . -1.65 1.03 -8.84
N32 HFH C . -0.11 2.75 -9.38
N35 HFH C . 1.10 4.43 -11.28
C38 HFH C . 1.28 5.58 -12.18
C36 HFH C . -0.08 3.66 -11.68
C37 HFH C . -0.26 2.44 -10.78
C1 GOL D . -15.49 -4.84 16.73
C1 GOL D . -13.42 -4.36 15.65
O1 GOL D . -16.06 -5.72 15.76
O1 GOL D . -13.82 -3.00 15.39
C2 GOL D . -13.97 -4.89 16.78
C2 GOL D . -14.17 -4.92 16.86
O2 GOL D . -13.53 -6.25 16.83
O2 GOL D . -13.86 -4.16 18.02
C3 GOL D . -13.35 -4.24 15.54
C3 GOL D . -15.67 -4.87 16.69
O3 GOL D . -13.85 -2.91 15.36
O3 GOL D . -16.13 -5.80 15.71
NA NA E . -0.10 0.12 2.28
C1 HFH F . 9.97 1.77 -12.18
C2 HFH F . 10.05 1.69 -10.66
C3 HFH F . 11.53 1.95 -10.41
O5 HFH F . 11.14 2.49 -12.60
N6 HFH F . 9.11 2.77 -10.20
C7 HFH F . 8.70 2.53 -12.45
C8 HFH F . 8.70 3.58 -11.37
C11 HFH F . 8.56 2.75 -8.98
C12 HFH F . 7.68 3.88 -8.50
C14 HFH F . 8.34 4.55 -7.30
C16 HFH F . 5.45 3.10 -9.11
C19 HFH F . 8.17 6.11 -5.42
C21 HFH F . 4.33 2.17 -8.74
C22 HFH F . 3.80 2.14 -7.46
C24 HFH F . 2.33 0.36 -8.12
C27 HFH F . 1.33 -0.69 -7.82
C30 HFH F . -0.16 -2.31 -8.31
C33 HFH F . -0.78 -3.02 -10.55
C34 HFH F . -2.04 -3.58 -11.21
F10 HFH F . 7.62 1.67 -12.33
C4 HFH F . 11.91 2.95 -11.48
O9 HFH F . 12.29 0.75 -10.66
O13 HFH F . 8.73 1.79 -8.22
C17 HFH F . 7.55 5.74 -6.75
C18 HFH F . 7.55 6.90 -7.74
N15 HFH F . 6.38 3.34 -8.18
O20 HFH F . 5.60 3.47 -10.29
C23 HFH F . 2.79 1.24 -7.13
C25 HFH F . 2.90 0.36 -9.39
C26 HFH F . 3.87 1.28 -9.70
C28 HFH F . 1.07 -1.17 -6.54
S29 HFH F . -0.05 -2.48 -6.59
N31 HFH F . 0.67 -1.38 -8.81
N32 HFH F . -0.89 -3.15 -9.10
N35 HFH F . -2.32 -4.94 -10.74
C38 HFH F . -3.52 -5.43 -11.48
C36 HFH F . -2.60 -4.96 -9.31
C37 HFH F . -1.50 -4.32 -8.48
N1 MHA G . 29.98 16.18 9.28
C1 MHA G . 29.15 15.27 8.45
C2 MHA G . 28.43 14.25 9.29
O1 MHA G . 28.57 14.24 10.54
O2 MHA G . 27.67 13.41 8.74
C3 MHA G . 30.88 17.05 8.47
C4 MHA G . 31.89 16.39 7.59
O3 MHA G . 32.46 17.12 6.72
O4 MHA G . 32.13 15.16 7.70
C5 MHA G . 29.13 17.12 10.07
C6 MHA G . 29.86 17.49 11.35
O5 MHA G . 30.70 16.72 11.77
N2 MHA G . 29.55 18.64 11.97
#